data_6EK2
#
_entry.id   6EK2
#
_cell.length_a   52.317
_cell.length_b   118.060
_cell.length_c   130.130
_cell.angle_alpha   90.00
_cell.angle_beta   90.00
_cell.angle_gamma   90.00
#
_symmetry.space_group_name_H-M   'P 21 21 21'
#
loop_
_entity.id
_entity.type
_entity.pdbx_description
1 polymer 'CD81 antigen'
2 polymer 'SINGLE CHAIN FV FRAGMENT'
3 water water
#
loop_
_entity_poly.entity_id
_entity_poly.type
_entity_poly.pdbx_seq_one_letter_code
_entity_poly.pdbx_strand_id
1 'polypeptide(L)'
;GSGFVNKDQIAKDVKQFYDQALQQAVVDDDANNAKAVVKTFHETLDCCGSSTLTALTTSVLKNNLCPSGSNIISNLFKED
CHQKIDDLFSGKHHHHHH
;
A,B
2 'polypeptide(L)'
;EVQLVESGGGLVKPGGSLKLSCAASGFTFSDYYMHWVRQTPKKRLEWVATISDGGSYTYFLDSVKGRFTISRDNAKNKLD
LQMSSLKSEDTGMYYCARDGNKYSAWFAYWGQGTLVTVSAGGGGSGGGGSGGGGSGGGGSDIQMTQSSSSFSVSLGDRVT
ITCKASEDIYNRLAWYQQKPGNAPRLLISGATSLETGVPSRFSGSGSGKDYTLSITSLQTEDFATYYCQQYWSPPWTFGG
GTKLEIK
;
H,I
#
# COMPACT_ATOMS: atom_id res chain seq x y z
N PHE A 4 3.23 -13.64 -1.00
CA PHE A 4 1.80 -13.81 -0.74
C PHE A 4 0.95 -12.57 -1.00
N VAL A 5 1.47 -11.37 -0.67
CA VAL A 5 0.80 -10.07 -0.85
C VAL A 5 0.27 -9.83 -2.30
N ASN A 6 -1.08 -9.76 -2.46
CA ASN A 6 -1.77 -9.59 -3.74
C ASN A 6 -1.94 -8.12 -4.17
N LYS A 7 -1.79 -7.86 -5.48
CA LYS A 7 -1.90 -6.56 -6.15
C LYS A 7 -3.22 -5.79 -5.88
N ASP A 8 -4.38 -6.42 -6.10
CA ASP A 8 -5.70 -5.78 -5.90
C ASP A 8 -5.96 -5.29 -4.48
N GLN A 9 -5.62 -6.09 -3.46
CA GLN A 9 -5.81 -5.72 -2.05
C GLN A 9 -4.90 -4.56 -1.63
N ILE A 10 -3.64 -4.54 -2.14
CA ILE A 10 -2.69 -3.46 -1.84
C ILE A 10 -3.15 -2.16 -2.40
N ALA A 11 -3.48 -2.10 -3.68
CA ALA A 11 -3.99 -0.85 -4.22
C ALA A 11 -5.23 -0.46 -3.41
N LYS A 12 -6.16 -1.39 -3.17
CA LYS A 12 -7.38 -1.11 -2.40
C LYS A 12 -6.97 -0.42 -1.07
N ASP A 13 -6.02 -1.03 -0.33
CA ASP A 13 -5.52 -0.48 0.93
C ASP A 13 -4.84 0.89 0.78
N VAL A 14 -3.94 1.06 -0.22
CA VAL A 14 -3.25 2.32 -0.51
C VAL A 14 -4.27 3.42 -0.82
N LYS A 15 -5.32 3.09 -1.61
CA LYS A 15 -6.40 4.02 -1.95
C LYS A 15 -7.14 4.44 -0.68
N GLN A 16 -7.47 3.47 0.20
CA GLN A 16 -8.15 3.77 1.46
C GLN A 16 -7.29 4.66 2.36
N PHE A 17 -6.00 4.32 2.50
CA PHE A 17 -5.07 5.12 3.28
C PHE A 17 -5.06 6.56 2.75
N TYR A 18 -5.04 6.74 1.41
CA TYR A 18 -5.07 8.06 0.79
C TYR A 18 -6.34 8.79 1.17
N ASP A 19 -7.53 8.16 1.02
CA ASP A 19 -8.82 8.75 1.39
C ASP A 19 -8.78 9.26 2.84
N GLN A 20 -8.29 8.38 3.76
CA GLN A 20 -8.15 8.62 5.21
C GLN A 20 -7.30 9.87 5.46
N ALA A 21 -6.12 9.93 4.82
CA ALA A 21 -5.22 11.10 4.90
C ALA A 21 -5.92 12.34 4.35
N LEU A 22 -6.61 12.24 3.20
CA LEU A 22 -7.34 13.36 2.57
C LEU A 22 -8.41 13.95 3.48
N GLN A 23 -9.24 13.10 4.10
CA GLN A 23 -10.32 13.54 4.97
C GLN A 23 -9.80 14.26 6.20
N GLN A 24 -8.75 13.71 6.79
CA GLN A 24 -8.07 14.25 7.96
C GLN A 24 -7.37 15.57 7.63
N ALA A 25 -6.77 15.67 6.43
CA ALA A 25 -6.06 16.85 5.96
C ALA A 25 -6.97 18.07 5.75
N VAL A 26 -8.22 17.87 5.35
CA VAL A 26 -9.11 18.99 5.08
C VAL A 26 -9.99 19.44 6.21
N VAL A 27 -10.11 18.63 7.25
CA VAL A 27 -11.00 18.96 8.36
C VAL A 27 -10.40 19.98 9.34
N ASP A 28 -9.14 19.79 9.70
CA ASP A 28 -8.43 20.64 10.66
C ASP A 28 -7.13 21.15 10.08
N ASP A 29 -6.74 22.38 10.48
CA ASP A 29 -5.45 22.95 10.10
C ASP A 29 -4.31 22.25 10.89
N ASP A 30 -4.59 21.90 12.18
CA ASP A 30 -3.69 21.19 13.08
C ASP A 30 -3.84 19.65 13.04
N ALA A 31 -3.62 19.13 11.83
CA ALA A 31 -3.56 17.74 11.38
C ALA A 31 -2.63 17.89 10.17
N ASN A 32 -1.42 18.41 10.45
CA ASN A 32 -0.41 18.80 9.49
C ASN A 32 0.36 17.61 8.96
N ASN A 33 0.30 16.46 9.67
CA ASN A 33 0.91 15.22 9.21
C ASN A 33 0.10 14.73 8.01
N ALA A 34 -1.25 14.69 8.12
CA ALA A 34 -2.17 14.29 7.06
C ALA A 34 -2.00 15.19 5.84
N LYS A 35 -1.80 16.51 6.08
CA LYS A 35 -1.55 17.48 5.01
C LYS A 35 -0.22 17.18 4.30
N ALA A 36 0.81 16.71 5.05
CA ALA A 36 2.10 16.36 4.48
C ALA A 36 1.98 15.13 3.59
N VAL A 37 1.30 14.05 4.09
CA VAL A 37 1.04 12.80 3.39
C VAL A 37 0.34 13.07 2.03
N VAL A 38 -0.78 13.79 2.10
CA VAL A 38 -1.55 14.20 0.92
C VAL A 38 -0.67 14.96 -0.08
N LYS A 39 0.10 15.97 0.39
CA LYS A 39 1.00 16.72 -0.48
C LYS A 39 2.04 15.78 -1.14
N THR A 40 2.63 14.86 -0.35
CA THR A 40 3.58 13.85 -0.83
C THR A 40 2.95 12.95 -1.93
N PHE A 41 1.74 12.39 -1.69
CA PHE A 41 1.02 11.56 -2.67
C PHE A 41 0.72 12.32 -3.98
N HIS A 42 0.20 13.57 -3.87
CA HIS A 42 -0.13 14.40 -5.03
C HIS A 42 1.11 14.70 -5.84
N GLU A 43 2.19 15.12 -5.18
CA GLU A 43 3.47 15.45 -5.81
C GLU A 43 4.13 14.20 -6.44
N THR A 44 4.18 13.10 -5.68
CA THR A 44 4.76 11.83 -6.12
C THR A 44 3.99 11.17 -7.27
N LEU A 45 2.66 11.13 -7.20
CA LEU A 45 1.85 10.43 -8.21
C LEU A 45 1.31 11.33 -9.29
N ASP A 46 1.59 12.64 -9.19
CA ASP A 46 1.08 13.69 -10.08
C ASP A 46 -0.42 13.56 -10.20
N CYS A 47 -1.08 13.62 -9.03
CA CYS A 47 -2.51 13.48 -8.93
C CYS A 47 -3.11 14.53 -8.02
N CYS A 48 -4.45 14.46 -7.87
CA CYS A 48 -5.25 15.32 -7.02
C CYS A 48 -6.64 14.76 -6.80
N GLY A 49 -7.02 14.61 -5.53
CA GLY A 49 -8.35 14.16 -5.15
C GLY A 49 -8.63 12.68 -5.14
N SER A 50 -9.72 12.33 -4.43
CA SER A 50 -10.22 10.98 -4.25
C SER A 50 -11.49 10.77 -5.06
N SER A 51 -11.53 9.67 -5.84
CA SER A 51 -12.68 9.30 -6.67
C SER A 51 -13.90 8.85 -5.87
N THR A 52 -13.67 8.47 -4.58
CA THR A 52 -14.69 8.04 -3.60
C THR A 52 -15.16 9.23 -2.75
N LEU A 53 -14.20 10.03 -2.33
CA LEU A 53 -14.43 11.18 -1.47
C LEU A 53 -14.34 12.46 -2.30
N THR A 54 -15.03 12.46 -3.46
CA THR A 54 -15.07 13.58 -4.40
C THR A 54 -15.54 14.89 -3.80
N ALA A 55 -16.44 14.88 -2.78
CA ALA A 55 -16.98 16.11 -2.15
C ALA A 55 -15.92 17.02 -1.48
N LEU A 56 -14.79 16.40 -1.07
CA LEU A 56 -13.64 17.06 -0.44
C LEU A 56 -12.84 17.96 -1.39
N THR A 57 -12.94 17.70 -2.70
CA THR A 57 -12.18 18.38 -3.74
C THR A 57 -11.99 19.89 -3.56
N THR A 58 -13.08 20.63 -3.36
CA THR A 58 -13.02 22.10 -3.17
C THR A 58 -12.17 22.49 -1.97
N SER A 59 -12.37 21.74 -0.86
CA SER A 59 -11.66 21.94 0.38
C SER A 59 -10.18 21.54 0.17
N VAL A 60 -9.94 20.47 -0.61
CA VAL A 60 -8.59 20.01 -0.96
C VAL A 60 -7.89 21.14 -1.69
N LEU A 61 -8.53 21.71 -2.73
CA LEU A 61 -7.98 22.81 -3.51
C LEU A 61 -7.73 24.04 -2.65
N LYS A 62 -8.74 24.46 -1.83
CA LYS A 62 -8.62 25.61 -0.94
C LYS A 62 -7.53 25.49 0.11
N ASN A 63 -7.15 24.24 0.51
CA ASN A 63 -6.09 23.98 1.49
C ASN A 63 -4.72 23.82 0.81
N ASN A 64 -4.59 24.31 -0.44
CA ASN A 64 -3.35 24.24 -1.23
C ASN A 64 -2.70 22.87 -1.33
N LEU A 65 -3.54 21.82 -1.39
CA LEU A 65 -3.08 20.44 -1.52
C LEU A 65 -2.84 20.01 -2.98
N CYS A 66 -3.23 20.84 -3.97
CA CYS A 66 -2.99 20.57 -5.40
C CYS A 66 -2.41 21.81 -6.10
N PRO A 67 -1.15 22.22 -5.79
CA PRO A 67 -0.60 23.43 -6.43
C PRO A 67 -0.43 23.30 -7.93
N SER A 68 0.05 22.13 -8.39
CA SER A 68 0.33 21.82 -9.80
C SER A 68 -0.60 20.74 -10.35
N GLY A 69 -0.38 20.40 -11.64
CA GLY A 69 -1.10 19.36 -12.37
C GLY A 69 -2.50 19.73 -12.80
N SER A 70 -2.76 19.67 -14.12
CA SER A 70 -4.08 19.95 -14.66
C SER A 70 -5.05 18.79 -14.39
N ASN A 71 -6.12 19.09 -13.65
CA ASN A 71 -7.16 18.11 -13.32
C ASN A 71 -8.49 18.51 -13.94
N ILE A 72 -8.56 19.75 -14.44
CA ILE A 72 -9.73 20.27 -15.11
C ILE A 72 -9.59 19.88 -16.60
N ILE A 73 -10.08 18.67 -16.89
CA ILE A 73 -10.13 18.00 -18.20
C ILE A 73 -11.53 18.32 -18.73
N SER A 74 -11.60 19.15 -19.79
CA SER A 74 -12.83 19.71 -20.38
C SER A 74 -13.49 20.69 -19.36
N ASN A 75 -14.81 20.53 -19.07
CA ASN A 75 -15.53 21.38 -18.10
C ASN A 75 -15.72 20.62 -16.77
N LEU A 76 -14.84 19.65 -16.52
CA LEU A 76 -14.88 18.77 -15.37
C LEU A 76 -13.52 18.59 -14.70
N PHE A 77 -13.55 18.40 -13.37
CA PHE A 77 -12.38 18.13 -12.55
C PHE A 77 -12.36 16.63 -12.21
N LYS A 78 -11.39 15.86 -12.78
CA LYS A 78 -11.27 14.42 -12.51
C LYS A 78 -10.29 14.06 -11.36
N GLU A 79 -10.80 13.39 -10.30
CA GLU A 79 -9.97 12.97 -9.17
C GLU A 79 -9.17 11.79 -9.69
N ASP A 80 -7.86 11.96 -9.82
CA ASP A 80 -7.01 10.94 -10.39
C ASP A 80 -6.10 10.16 -9.45
N CYS A 81 -6.13 10.40 -8.12
CA CYS A 81 -5.22 9.64 -7.25
C CYS A 81 -5.48 8.14 -7.23
N HIS A 82 -6.76 7.73 -7.15
CA HIS A 82 -7.06 6.30 -7.18
C HIS A 82 -6.52 5.62 -8.45
N GLN A 83 -6.59 6.33 -9.60
CA GLN A 83 -6.06 5.81 -10.86
C GLN A 83 -4.53 5.67 -10.80
N LYS A 84 -3.84 6.76 -10.38
CA LYS A 84 -2.38 6.81 -10.26
C LYS A 84 -1.86 5.71 -9.33
N ILE A 85 -2.61 5.42 -8.24
CA ILE A 85 -2.30 4.33 -7.31
C ILE A 85 -2.42 3.02 -8.06
N ASP A 86 -3.50 2.84 -8.88
CA ASP A 86 -3.71 1.63 -9.67
C ASP A 86 -2.54 1.44 -10.61
N ASP A 87 -2.11 2.55 -11.30
CA ASP A 87 -0.98 2.55 -12.23
C ASP A 87 0.34 2.20 -11.57
N LEU A 88 0.52 2.57 -10.29
CA LEU A 88 1.73 2.26 -9.54
C LEU A 88 1.90 0.74 -9.40
N PHE A 89 0.82 0.04 -9.09
CA PHE A 89 0.80 -1.40 -8.86
C PHE A 89 0.63 -2.25 -10.13
N SER A 90 0.29 -1.59 -11.25
CA SER A 90 0.10 -2.17 -12.58
C SER A 90 1.36 -2.04 -13.42
N GLY A 91 2.12 -0.96 -13.19
CA GLY A 91 3.37 -0.68 -13.90
C GLY A 91 3.18 0.20 -15.12
N LYS A 92 2.32 1.24 -15.00
CA LYS A 92 1.99 2.25 -16.03
C LYS A 92 2.37 3.70 -15.54
N HIS A 93 1.99 4.78 -16.25
CA HIS A 93 2.28 6.18 -15.85
C HIS A 93 3.77 6.55 -15.63
N PHE B 4 -10.56 0.21 8.37
CA PHE B 4 -9.46 1.16 8.59
C PHE B 4 -8.11 0.54 8.23
N VAL B 5 -7.15 1.40 7.74
CA VAL B 5 -5.79 1.03 7.32
C VAL B 5 -4.71 1.72 8.19
N ASN B 6 -3.77 0.92 8.71
CA ASN B 6 -2.69 1.43 9.56
C ASN B 6 -1.42 1.67 8.74
N LYS B 7 -0.83 2.89 8.87
CA LYS B 7 0.38 3.32 8.18
C LYS B 7 1.50 2.27 8.15
N ASP B 8 1.88 1.70 9.32
CA ASP B 8 2.96 0.71 9.42
C ASP B 8 2.72 -0.56 8.62
N GLN B 9 1.50 -1.13 8.70
CA GLN B 9 1.12 -2.35 7.97
C GLN B 9 1.06 -2.09 6.45
N ILE B 10 0.48 -0.95 6.00
CA ILE B 10 0.41 -0.62 4.57
C ILE B 10 1.79 -0.38 3.96
N ALA B 11 2.70 0.29 4.70
CA ALA B 11 4.10 0.48 4.29
C ALA B 11 4.79 -0.90 4.16
N LYS B 12 4.59 -1.79 5.17
CA LYS B 12 5.08 -3.16 5.24
C LYS B 12 4.58 -3.91 3.99
N ASP B 13 3.27 -3.83 3.69
CA ASP B 13 2.67 -4.47 2.52
C ASP B 13 3.22 -3.98 1.19
N VAL B 14 3.33 -2.64 1.01
CA VAL B 14 3.88 -2.03 -0.21
C VAL B 14 5.34 -2.49 -0.42
N LYS B 15 6.12 -2.54 0.67
CA LYS B 15 7.51 -3.00 0.63
C LYS B 15 7.55 -4.48 0.18
N GLN B 16 6.66 -5.33 0.74
CA GLN B 16 6.59 -6.74 0.35
C GLN B 16 6.24 -6.90 -1.13
N PHE B 17 5.19 -6.17 -1.58
CA PHE B 17 4.78 -6.17 -2.96
C PHE B 17 5.99 -5.80 -3.86
N TYR B 18 6.77 -4.76 -3.49
CA TYR B 18 7.96 -4.36 -4.21
C TYR B 18 8.97 -5.49 -4.28
N ASP B 19 9.32 -6.11 -3.13
CA ASP B 19 10.27 -7.24 -3.08
C ASP B 19 9.83 -8.36 -4.05
N GLN B 20 8.52 -8.72 -4.00
CA GLN B 20 7.87 -9.74 -4.83
C GLN B 20 8.07 -9.43 -6.31
N ALA B 21 7.77 -8.16 -6.70
CA ALA B 21 7.95 -7.69 -8.07
C ALA B 21 9.43 -7.77 -8.46
N LEU B 22 10.35 -7.33 -7.57
CA LEU B 22 11.81 -7.35 -7.80
C LEU B 22 12.35 -8.75 -8.08
N GLN B 23 11.98 -9.72 -7.25
CA GLN B 23 12.43 -11.10 -7.38
C GLN B 23 11.97 -11.74 -8.69
N GLN B 24 10.71 -11.49 -9.04
CA GLN B 24 10.07 -11.99 -10.24
C GLN B 24 10.70 -11.33 -11.48
N ALA B 25 11.02 -10.02 -11.44
CA ALA B 25 11.57 -9.23 -12.56
C ALA B 25 12.98 -9.63 -12.96
N VAL B 26 13.72 -10.18 -12.01
CA VAL B 26 15.12 -10.57 -12.11
C VAL B 26 15.35 -11.87 -12.88
N VAL B 27 14.32 -12.74 -12.92
CA VAL B 27 14.34 -14.01 -13.66
C VAL B 27 13.61 -13.82 -15.01
N ASP B 28 14.32 -14.01 -16.13
CA ASP B 28 13.80 -13.77 -17.49
C ASP B 28 12.73 -14.75 -17.99
N ASP B 29 11.55 -14.21 -18.38
CA ASP B 29 10.38 -14.91 -18.93
C ASP B 29 9.25 -13.90 -19.27
N ASP B 30 7.96 -14.35 -19.17
CA ASP B 30 6.73 -13.57 -19.36
C ASP B 30 6.56 -12.52 -18.22
N ALA B 31 7.50 -12.57 -17.23
CA ALA B 31 7.61 -11.69 -16.06
C ALA B 31 8.10 -10.26 -16.49
N ASN B 32 7.61 -9.81 -17.68
CA ASN B 32 7.84 -8.47 -18.19
C ASN B 32 6.91 -7.50 -17.50
N ASN B 33 5.84 -8.03 -16.86
CA ASN B 33 4.90 -7.24 -16.05
C ASN B 33 5.66 -6.81 -14.78
N ALA B 34 6.36 -7.77 -14.11
CA ALA B 34 7.17 -7.51 -12.92
C ALA B 34 8.26 -6.50 -13.23
N LYS B 35 8.88 -6.58 -14.43
CA LYS B 35 9.89 -5.64 -14.89
C LYS B 35 9.28 -4.24 -15.06
N ALA B 36 8.02 -4.17 -15.51
CA ALA B 36 7.33 -2.88 -15.67
C ALA B 36 7.05 -2.24 -14.32
N VAL B 37 6.51 -3.03 -13.35
CA VAL B 37 6.20 -2.62 -11.97
C VAL B 37 7.46 -2.04 -11.29
N VAL B 38 8.55 -2.81 -11.30
CA VAL B 38 9.85 -2.41 -10.76
C VAL B 38 10.33 -1.09 -11.41
N LYS B 39 10.29 -1.00 -12.75
CA LYS B 39 10.66 0.24 -13.44
C LYS B 39 9.78 1.42 -12.99
N THR B 40 8.46 1.20 -12.88
CA THR B 40 7.50 2.21 -12.39
C THR B 40 7.85 2.69 -10.96
N PHE B 41 8.10 1.76 -10.01
CA PHE B 41 8.50 2.06 -8.63
C PHE B 41 9.81 2.86 -8.57
N HIS B 42 10.82 2.42 -9.31
CA HIS B 42 12.16 3.05 -9.34
C HIS B 42 12.06 4.46 -9.89
N GLU B 43 11.33 4.65 -11.01
CA GLU B 43 11.11 5.93 -11.66
C GLU B 43 10.25 6.84 -10.79
N THR B 44 9.14 6.33 -10.24
CA THR B 44 8.22 7.10 -9.39
C THR B 44 8.83 7.51 -8.03
N LEU B 45 9.55 6.60 -7.36
CA LEU B 45 10.08 6.88 -6.04
C LEU B 45 11.53 7.31 -6.05
N ASP B 46 12.15 7.37 -7.24
CA ASP B 46 13.56 7.72 -7.43
C ASP B 46 14.42 6.87 -6.49
N CYS B 47 14.26 5.55 -6.62
CA CYS B 47 14.95 4.57 -5.80
C CYS B 47 15.53 3.46 -6.67
N CYS B 48 16.12 2.45 -6.02
CA CYS B 48 16.69 1.27 -6.63
C CYS B 48 16.99 0.22 -5.56
N GLY B 49 16.48 -0.99 -5.76
CA GLY B 49 16.77 -2.12 -4.90
C GLY B 49 15.99 -2.27 -3.62
N SER B 50 16.03 -3.50 -3.06
CA SER B 50 15.36 -3.92 -1.84
C SER B 50 16.35 -4.09 -0.69
N SER B 51 16.06 -3.47 0.46
CA SER B 51 16.90 -3.55 1.67
C SER B 51 16.86 -4.93 2.33
N THR B 52 15.85 -5.77 1.99
CA THR B 52 15.65 -7.14 2.48
C THR B 52 16.26 -8.14 1.48
N LEU B 53 16.03 -7.88 0.20
CA LEU B 53 16.49 -8.75 -0.88
C LEU B 53 17.69 -8.10 -1.58
N THR B 54 18.65 -7.63 -0.77
CA THR B 54 19.88 -6.96 -1.22
C THR B 54 20.71 -7.75 -2.22
N ALA B 55 20.73 -9.10 -2.14
CA ALA B 55 21.49 -9.98 -3.05
C ALA B 55 21.13 -9.84 -4.55
N LEU B 56 19.89 -9.43 -4.82
CA LEU B 56 19.36 -9.23 -6.16
C LEU B 56 19.95 -8.02 -6.87
N THR B 57 20.46 -7.03 -6.11
CA THR B 57 20.99 -5.76 -6.63
C THR B 57 21.77 -5.83 -7.94
N THR B 58 22.78 -6.70 -8.03
CA THR B 58 23.60 -6.84 -9.24
C THR B 58 22.77 -7.27 -10.45
N SER B 59 21.84 -8.21 -10.20
CA SER B 59 20.93 -8.73 -11.20
C SER B 59 19.95 -7.61 -11.58
N VAL B 60 19.52 -6.76 -10.58
CA VAL B 60 18.62 -5.64 -10.93
C VAL B 60 19.34 -4.60 -11.78
N LEU B 61 20.59 -4.33 -11.47
CA LEU B 61 21.40 -3.42 -12.28
C LEU B 61 21.61 -4.00 -13.69
N LYS B 62 22.01 -5.28 -13.80
CA LYS B 62 22.24 -5.96 -15.08
C LYS B 62 20.97 -6.09 -15.94
N ASN B 63 19.76 -6.07 -15.31
CA ASN B 63 18.47 -6.12 -16.02
C ASN B 63 17.96 -4.74 -16.38
N ASN B 64 18.84 -3.73 -16.35
CA ASN B 64 18.50 -2.35 -16.67
C ASN B 64 17.29 -1.74 -15.94
N LEU B 65 17.11 -2.16 -14.68
CA LEU B 65 16.03 -1.67 -13.84
C LEU B 65 16.37 -0.36 -13.08
N CYS B 66 17.65 0.04 -13.06
CA CYS B 66 18.12 1.30 -12.44
C CYS B 66 19.07 2.06 -13.39
N PRO B 67 18.58 2.62 -14.51
CA PRO B 67 19.48 3.29 -15.44
C PRO B 67 20.18 4.51 -14.86
N SER B 68 19.44 5.33 -14.10
CA SER B 68 19.91 6.57 -13.47
C SER B 68 19.83 6.50 -11.94
N GLY B 69 20.15 7.60 -11.28
CA GLY B 69 20.05 7.72 -9.82
C GLY B 69 21.22 7.14 -9.06
N SER B 70 21.93 8.00 -8.33
CA SER B 70 23.11 7.57 -7.58
C SER B 70 22.71 6.84 -6.31
N ASN B 71 23.12 5.57 -6.23
CA ASN B 71 22.88 4.73 -5.08
C ASN B 71 24.21 4.40 -4.39
N ILE B 72 25.33 4.60 -5.12
CA ILE B 72 26.68 4.40 -4.59
C ILE B 72 27.11 5.68 -3.85
N ILE B 73 26.91 5.68 -2.52
CA ILE B 73 27.25 6.78 -1.62
C ILE B 73 28.38 6.37 -0.67
N SER B 74 29.47 7.18 -0.65
CA SER B 74 30.72 6.98 0.08
C SER B 74 31.49 5.81 -0.59
N ASN B 75 31.30 4.54 -0.14
CA ASN B 75 31.92 3.34 -0.72
C ASN B 75 30.94 2.15 -0.67
N LEU B 76 29.65 2.49 -0.57
CA LEU B 76 28.54 1.55 -0.45
C LEU B 76 27.38 1.87 -1.37
N PHE B 77 26.76 0.83 -1.91
CA PHE B 77 25.55 0.95 -2.69
C PHE B 77 24.44 0.70 -1.65
N LYS B 78 23.58 1.69 -1.47
CA LYS B 78 22.49 1.54 -0.51
C LYS B 78 21.18 1.41 -1.29
N GLU B 79 20.41 0.37 -0.99
CA GLU B 79 19.13 0.11 -1.64
C GLU B 79 18.07 0.88 -0.88
N ASP B 80 17.52 1.89 -1.54
CA ASP B 80 16.59 2.86 -0.98
C ASP B 80 15.08 2.72 -1.24
N CYS B 81 14.59 1.68 -1.96
CA CYS B 81 13.14 1.64 -2.20
C CYS B 81 12.29 1.51 -0.94
N HIS B 82 12.75 0.68 0.00
CA HIS B 82 12.06 0.48 1.27
C HIS B 82 12.02 1.78 2.06
N GLN B 83 13.03 2.65 1.93
CA GLN B 83 13.00 3.96 2.57
C GLN B 83 12.01 4.90 1.88
N LYS B 84 12.08 5.03 0.53
CA LYS B 84 11.21 5.87 -0.27
C LYS B 84 9.73 5.52 -0.05
N ILE B 85 9.43 4.21 0.12
CA ILE B 85 8.08 3.73 0.41
C ILE B 85 7.69 4.25 1.78
N ASP B 86 8.62 4.20 2.77
CA ASP B 86 8.36 4.68 4.14
C ASP B 86 8.04 6.16 4.06
N ASP B 87 8.87 6.93 3.30
CA ASP B 87 8.68 8.38 3.09
C ASP B 87 7.35 8.73 2.43
N LEU B 88 6.83 7.87 1.54
CA LEU B 88 5.55 8.09 0.87
C LEU B 88 4.42 8.12 1.89
N PHE B 89 4.43 7.18 2.84
CA PHE B 89 3.41 7.01 3.87
C PHE B 89 3.60 7.89 5.11
N SER B 90 4.80 8.53 5.23
CA SER B 90 5.20 9.43 6.30
C SER B 90 4.96 10.88 5.91
N GLY B 91 5.13 11.18 4.63
CA GLY B 91 4.95 12.52 4.08
C GLY B 91 6.26 13.31 4.02
N LYS B 92 7.36 12.63 3.61
CA LYS B 92 8.71 13.18 3.44
C LYS B 92 9.22 13.07 1.99
N GLU C 1 -33.31 -4.16 -2.35
CA GLU C 1 -33.96 -2.85 -2.31
C GLU C 1 -33.41 -2.03 -1.14
N VAL C 2 -32.90 -0.81 -1.43
CA VAL C 2 -32.37 0.13 -0.42
C VAL C 2 -33.56 0.74 0.32
N GLN C 3 -33.55 0.65 1.66
CA GLN C 3 -34.62 1.21 2.47
C GLN C 3 -34.10 2.14 3.55
N LEU C 4 -34.75 3.31 3.70
CA LEU C 4 -34.41 4.25 4.74
C LEU C 4 -35.72 4.63 5.42
N VAL C 5 -35.84 4.39 6.74
CA VAL C 5 -37.06 4.65 7.52
C VAL C 5 -36.72 5.59 8.67
N GLU C 6 -37.19 6.82 8.57
CA GLU C 6 -36.93 7.77 9.63
C GLU C 6 -38.05 7.87 10.64
N SER C 7 -37.67 8.00 11.90
CA SER C 7 -38.53 8.10 13.05
C SER C 7 -38.02 9.25 13.93
N GLY C 8 -38.85 9.69 14.87
CA GLY C 8 -38.45 10.69 15.83
C GLY C 8 -39.18 12.02 15.82
N GLY C 9 -39.62 12.45 14.65
CA GLY C 9 -40.30 13.72 14.44
C GLY C 9 -41.56 13.93 15.28
N GLY C 10 -41.87 15.20 15.54
CA GLY C 10 -43.04 15.54 16.30
C GLY C 10 -43.21 17.03 16.44
N LEU C 11 -44.18 17.42 17.29
CA LEU C 11 -44.48 18.80 17.64
C LEU C 11 -43.52 19.18 18.75
N VAL C 12 -42.91 20.35 18.63
CA VAL C 12 -41.91 20.77 19.61
C VAL C 12 -42.06 22.28 19.87
N LYS C 13 -41.61 22.73 21.07
CA LYS C 13 -41.67 24.12 21.48
C LYS C 13 -40.37 24.80 21.07
N PRO C 14 -40.36 26.13 20.82
CA PRO C 14 -39.10 26.81 20.46
C PRO C 14 -38.09 26.68 21.60
N GLY C 15 -36.88 26.28 21.24
CA GLY C 15 -35.80 26.03 22.17
C GLY C 15 -35.74 24.56 22.55
N GLY C 16 -36.81 23.83 22.19
CA GLY C 16 -37.00 22.40 22.44
C GLY C 16 -35.97 21.50 21.79
N SER C 17 -36.10 20.20 22.05
CA SER C 17 -35.19 19.18 21.54
C SER C 17 -35.94 17.99 20.97
N LEU C 18 -35.38 17.38 19.90
CA LEU C 18 -35.93 16.19 19.22
C LEU C 18 -34.80 15.27 18.80
N LYS C 19 -35.07 13.96 18.72
CA LYS C 19 -34.06 12.99 18.35
C LYS C 19 -34.54 12.13 17.20
N LEU C 20 -34.14 12.53 15.98
CA LEU C 20 -34.49 11.83 14.75
C LEU C 20 -33.54 10.69 14.56
N SER C 21 -34.08 9.57 14.07
CA SER C 21 -33.33 8.34 13.82
C SER C 21 -33.73 7.77 12.45
N CYS C 22 -32.76 7.25 11.74
CA CYS C 22 -32.97 6.66 10.44
C CYS C 22 -32.53 5.17 10.51
N ALA C 23 -33.39 4.26 9.99
CA ALA C 23 -33.14 2.82 10.00
C ALA C 23 -32.87 2.30 8.59
N ALA C 24 -31.58 2.16 8.27
CA ALA C 24 -31.11 1.72 6.96
C ALA C 24 -31.08 0.19 6.82
N SER C 25 -31.30 -0.30 5.60
CA SER C 25 -31.29 -1.72 5.21
C SER C 25 -31.23 -1.84 3.68
N GLY C 26 -30.68 -2.95 3.21
CA GLY C 26 -30.60 -3.25 1.79
C GLY C 26 -29.30 -2.92 1.09
N PHE C 27 -28.30 -2.38 1.84
CA PHE C 27 -26.96 -2.01 1.33
C PHE C 27 -25.92 -2.06 2.47
N THR C 28 -24.63 -1.89 2.14
CA THR C 28 -23.56 -1.88 3.14
C THR C 28 -23.43 -0.47 3.76
N PHE C 29 -24.22 -0.19 4.81
CA PHE C 29 -24.28 1.09 5.56
C PHE C 29 -22.90 1.69 5.88
N SER C 30 -21.96 0.85 6.33
CA SER C 30 -20.57 1.18 6.69
C SER C 30 -19.76 1.80 5.53
N ASP C 31 -20.23 1.64 4.28
CA ASP C 31 -19.52 2.11 3.08
C ASP C 31 -19.98 3.47 2.58
N TYR C 32 -20.96 4.09 3.25
CA TYR C 32 -21.53 5.33 2.77
C TYR C 32 -21.57 6.43 3.77
N TYR C 33 -21.36 7.69 3.30
CA TYR C 33 -21.57 8.84 4.17
C TYR C 33 -23.07 9.01 4.20
N MET C 34 -23.62 9.38 5.37
CA MET C 34 -25.06 9.56 5.49
C MET C 34 -25.36 11.00 5.78
N HIS C 35 -26.50 11.48 5.25
CA HIS C 35 -26.91 12.88 5.37
C HIS C 35 -28.34 13.09 5.84
N TRP C 36 -28.62 14.33 6.27
CA TRP C 36 -29.95 14.79 6.66
C TRP C 36 -30.32 15.99 5.82
N VAL C 37 -31.43 15.85 5.09
CA VAL C 37 -31.94 16.91 4.22
C VAL C 37 -33.35 17.19 4.69
N ARG C 38 -33.69 18.47 4.83
CA ARG C 38 -35.02 18.91 5.27
C ARG C 38 -35.75 19.70 4.21
N GLN C 39 -37.08 19.53 4.14
CA GLN C 39 -37.92 20.29 3.21
C GLN C 39 -38.80 21.23 4.01
N THR C 40 -38.60 22.56 3.80
CA THR C 40 -39.32 23.66 4.46
C THR C 40 -40.86 23.68 4.14
N PRO C 41 -41.72 24.31 4.98
CA PRO C 41 -43.17 24.32 4.68
C PRO C 41 -43.49 24.95 3.33
N LYS C 42 -42.63 25.88 2.81
CA LYS C 42 -42.77 26.48 1.48
C LYS C 42 -42.08 25.59 0.38
N LYS C 43 -41.83 24.29 0.72
CA LYS C 43 -41.29 23.22 -0.12
C LYS C 43 -39.84 23.36 -0.65
N ARG C 44 -39.05 24.22 0.01
CA ARG C 44 -37.64 24.48 -0.32
C ARG C 44 -36.79 23.35 0.30
N LEU C 45 -35.95 22.68 -0.52
CA LEU C 45 -35.06 21.59 -0.05
C LEU C 45 -33.77 22.16 0.50
N GLU C 46 -33.30 21.65 1.67
CA GLU C 46 -32.12 22.17 2.38
C GLU C 46 -31.31 21.09 3.09
N TRP C 47 -30.03 20.88 2.66
CA TRP C 47 -29.11 19.92 3.28
C TRP C 47 -28.74 20.43 4.70
N VAL C 48 -28.71 19.54 5.71
CA VAL C 48 -28.36 19.95 7.08
C VAL C 48 -27.13 19.29 7.70
N ALA C 49 -26.94 17.98 7.53
CA ALA C 49 -25.84 17.31 8.19
C ALA C 49 -25.31 16.11 7.48
N THR C 50 -24.00 15.81 7.68
CA THR C 50 -23.32 14.65 7.10
C THR C 50 -22.46 13.98 8.17
N ILE C 51 -22.49 12.64 8.19
CA ILE C 51 -21.67 11.77 9.05
C ILE C 51 -20.85 10.89 8.11
N SER C 52 -19.51 10.80 8.35
CA SER C 52 -18.62 9.97 7.54
C SER C 52 -18.99 8.48 7.70
N ASP C 53 -18.51 7.63 6.77
CA ASP C 53 -18.78 6.20 6.77
C ASP C 53 -18.45 5.52 8.12
N GLY C 54 -17.32 5.91 8.71
CA GLY C 54 -16.87 5.41 10.00
C GLY C 54 -17.56 6.13 11.15
N GLY C 55 -17.94 7.37 10.90
CA GLY C 55 -18.63 8.18 11.89
C GLY C 55 -17.78 9.25 12.53
N SER C 56 -16.46 9.21 12.34
CA SER C 56 -15.51 10.16 12.92
C SER C 56 -15.62 11.55 12.36
N TYR C 57 -16.01 11.66 11.10
CA TYR C 57 -16.12 12.98 10.48
C TYR C 57 -17.55 13.47 10.30
N THR C 58 -17.73 14.75 10.66
CA THR C 58 -19.02 15.41 10.74
C THR C 58 -19.08 16.77 10.04
N TYR C 59 -20.13 17.01 9.25
CA TYR C 59 -20.32 18.29 8.54
C TYR C 59 -21.70 18.80 8.81
N PHE C 60 -21.83 20.13 9.00
CA PHE C 60 -23.13 20.74 9.32
C PHE C 60 -23.45 22.01 8.54
N LEU C 61 -24.74 22.30 8.39
CA LEU C 61 -25.20 23.54 7.78
C LEU C 61 -24.90 24.63 8.83
N ASP C 62 -24.35 25.79 8.43
CA ASP C 62 -24.00 26.86 9.37
C ASP C 62 -25.11 27.22 10.37
N SER C 63 -26.35 27.31 9.90
CA SER C 63 -27.49 27.64 10.74
C SER C 63 -27.85 26.57 11.79
N VAL C 64 -27.47 25.29 11.58
CA VAL C 64 -27.75 24.22 12.55
C VAL C 64 -26.55 23.87 13.44
N LYS C 65 -25.33 24.30 13.01
CA LYS C 65 -24.04 24.11 13.70
C LYS C 65 -24.18 24.53 15.18
N GLY C 66 -23.74 23.64 16.07
CA GLY C 66 -23.77 23.90 17.50
C GLY C 66 -25.11 23.69 18.18
N ARG C 67 -26.12 23.30 17.40
CA ARG C 67 -27.45 23.03 17.93
C ARG C 67 -27.86 21.62 17.52
N PHE C 68 -27.23 21.09 16.45
CA PHE C 68 -27.53 19.76 15.91
C PHE C 68 -26.31 18.85 15.99
N THR C 69 -26.55 17.60 16.34
CA THR C 69 -25.47 16.61 16.41
C THR C 69 -25.83 15.38 15.60
N ILE C 70 -24.87 14.87 14.84
CA ILE C 70 -25.07 13.68 14.04
C ILE C 70 -24.22 12.55 14.65
N SER C 71 -24.76 11.32 14.61
CA SER C 71 -24.15 10.12 15.13
C SER C 71 -24.62 8.95 14.29
N ARG C 72 -23.91 7.80 14.36
CA ARG C 72 -24.30 6.60 13.65
C ARG C 72 -23.81 5.36 14.36
N ASP C 73 -24.56 4.27 14.19
CA ASP C 73 -24.29 2.96 14.77
C ASP C 73 -24.19 1.97 13.63
N ASN C 74 -22.96 1.69 13.17
CA ASN C 74 -22.79 0.77 12.03
C ASN C 74 -23.19 -0.68 12.31
N ALA C 75 -23.20 -1.07 13.58
CA ALA C 75 -23.58 -2.39 14.04
C ALA C 75 -25.10 -2.54 14.01
N LYS C 76 -25.82 -1.50 14.45
CA LYS C 76 -27.28 -1.46 14.49
C LYS C 76 -27.94 -0.97 13.18
N ASN C 77 -27.11 -0.62 12.16
CA ASN C 77 -27.51 -0.07 10.84
C ASN C 77 -28.42 1.16 10.98
N LYS C 78 -28.10 2.06 11.93
CA LYS C 78 -28.88 3.26 12.20
C LYS C 78 -28.07 4.57 12.29
N LEU C 79 -28.73 5.67 11.92
CA LEU C 79 -28.17 7.02 11.87
C LEU C 79 -29.10 7.96 12.64
N ASP C 80 -28.51 8.87 13.44
CA ASP C 80 -29.30 9.77 14.28
C ASP C 80 -28.93 11.23 14.16
N LEU C 81 -29.94 12.08 14.22
CA LEU C 81 -29.79 13.52 14.25
C LEU C 81 -30.40 14.00 15.58
N GLN C 82 -29.54 14.52 16.46
CA GLN C 82 -29.95 15.04 17.77
C GLN C 82 -30.11 16.54 17.60
N MET C 83 -31.35 16.99 17.59
CA MET C 83 -31.69 18.41 17.42
C MET C 83 -32.00 19.03 18.79
N SER C 84 -31.33 20.13 19.10
CA SER C 84 -31.52 20.89 20.33
C SER C 84 -31.56 22.36 19.97
N SER C 85 -32.09 23.20 20.88
CA SER C 85 -32.23 24.64 20.71
C SER C 85 -33.02 24.94 19.45
N LEU C 86 -34.17 24.26 19.29
CA LEU C 86 -35.02 24.37 18.10
C LEU C 86 -35.64 25.76 17.81
N LYS C 87 -35.48 26.25 16.55
CA LYS C 87 -35.98 27.56 16.10
C LYS C 87 -37.11 27.27 15.13
N SER C 88 -37.88 28.29 14.69
CA SER C 88 -38.96 28.17 13.73
C SER C 88 -38.43 27.62 12.39
N GLU C 89 -37.32 28.18 11.91
CA GLU C 89 -36.63 27.82 10.66
C GLU C 89 -36.41 26.31 10.48
N ASP C 90 -36.34 25.56 11.60
CA ASP C 90 -36.12 24.13 11.52
C ASP C 90 -37.36 23.31 11.15
N THR C 91 -38.57 23.91 11.21
CA THR C 91 -39.78 23.20 10.85
C THR C 91 -39.66 22.67 9.43
N GLY C 92 -40.02 21.39 9.26
CA GLY C 92 -40.05 20.75 7.95
C GLY C 92 -39.98 19.24 7.99
N MET C 93 -40.07 18.62 6.80
CA MET C 93 -39.93 17.17 6.71
C MET C 93 -38.42 16.87 6.71
N TYR C 94 -38.00 15.93 7.56
CA TYR C 94 -36.61 15.57 7.66
C TYR C 94 -36.39 14.23 6.99
N TYR C 95 -35.62 14.27 5.89
CA TYR C 95 -35.25 13.11 5.11
C TYR C 95 -33.84 12.69 5.46
N CYS C 96 -33.67 11.39 5.58
CA CYS C 96 -32.44 10.67 5.81
C CYS C 96 -32.03 10.23 4.39
N ALA C 97 -30.81 10.52 3.98
CA ALA C 97 -30.37 10.17 2.62
C ALA C 97 -28.99 9.52 2.57
N ARG C 98 -28.88 8.47 1.73
CA ARG C 98 -27.61 7.78 1.49
C ARG C 98 -26.98 8.45 0.31
N ASP C 99 -25.68 8.70 0.43
CA ASP C 99 -24.87 9.33 -0.58
C ASP C 99 -24.82 8.46 -1.82
N GLY C 100 -24.64 9.08 -2.98
CA GLY C 100 -24.48 8.38 -4.25
C GLY C 100 -23.27 7.47 -4.26
N ASN C 101 -22.14 7.97 -3.74
CA ASN C 101 -20.92 7.19 -3.61
C ASN C 101 -20.54 7.16 -2.14
N LYS C 102 -19.25 7.04 -1.83
CA LYS C 102 -18.83 7.10 -0.43
C LYS C 102 -19.14 8.54 0.04
N TYR C 103 -18.57 9.57 -0.66
CA TYR C 103 -18.82 10.97 -0.36
C TYR C 103 -18.68 11.91 -1.57
N SER C 104 -19.74 11.97 -2.37
CA SER C 104 -19.96 12.88 -3.48
C SER C 104 -21.22 13.51 -2.96
N ALA C 105 -21.36 14.80 -2.80
CA ALA C 105 -22.62 15.11 -2.10
C ALA C 105 -24.01 15.16 -2.84
N TRP C 106 -24.34 14.03 -3.51
CA TRP C 106 -25.64 13.82 -4.14
C TRP C 106 -26.32 12.67 -3.44
N PHE C 107 -27.66 12.72 -3.39
CA PHE C 107 -28.51 11.84 -2.60
C PHE C 107 -29.29 10.80 -3.42
N ALA C 108 -28.64 9.65 -3.62
CA ALA C 108 -29.19 8.54 -4.41
C ALA C 108 -30.46 7.94 -3.86
N TYR C 109 -30.58 7.83 -2.54
CA TYR C 109 -31.74 7.23 -1.88
C TYR C 109 -32.17 8.07 -0.70
N TRP C 110 -33.47 8.25 -0.55
CA TRP C 110 -34.04 9.02 0.55
C TRP C 110 -35.12 8.17 1.27
N GLY C 111 -35.36 8.47 2.52
CA GLY C 111 -36.43 7.82 3.28
C GLY C 111 -37.73 8.58 3.10
N GLN C 112 -38.83 8.09 3.70
CA GLN C 112 -40.14 8.75 3.57
C GLN C 112 -40.23 10.14 4.27
N GLY C 113 -39.37 10.34 5.28
CA GLY C 113 -39.30 11.57 6.05
C GLY C 113 -40.02 11.52 7.38
N THR C 114 -39.59 12.39 8.33
CA THR C 114 -40.26 12.61 9.61
C THR C 114 -40.54 14.06 9.72
N LEU C 115 -41.79 14.39 10.01
CA LEU C 115 -42.18 15.78 10.15
C LEU C 115 -41.70 16.35 11.49
N VAL C 116 -41.05 17.50 11.42
CA VAL C 116 -40.58 18.25 12.57
C VAL C 116 -41.29 19.58 12.49
N THR C 117 -42.28 19.75 13.36
CA THR C 117 -43.06 20.97 13.43
C THR C 117 -42.78 21.70 14.75
N VAL C 118 -42.36 22.98 14.67
CA VAL C 118 -42.07 23.76 15.87
C VAL C 118 -43.02 24.94 16.04
N SER C 119 -43.92 24.83 17.07
CA SER C 119 -44.99 25.77 17.43
C SER C 119 -44.55 27.22 17.64
N ALA C 120 -45.40 28.19 17.26
CA ALA C 120 -45.09 29.62 17.40
C ALA C 120 -45.28 30.12 18.83
N ASP C 141 -21.97 31.07 -0.55
CA ASP C 141 -22.94 30.01 -0.87
C ASP C 141 -23.38 30.07 -2.32
N ILE C 142 -23.35 28.92 -3.01
CA ILE C 142 -23.74 28.84 -4.43
C ILE C 142 -25.27 28.93 -4.61
N GLN C 143 -25.76 29.96 -5.33
CA GLN C 143 -27.20 30.11 -5.50
C GLN C 143 -27.68 29.34 -6.71
N MET C 144 -28.59 28.40 -6.47
CA MET C 144 -29.17 27.56 -7.51
C MET C 144 -30.51 28.15 -7.85
N THR C 145 -30.60 28.75 -9.06
CA THR C 145 -31.75 29.47 -9.58
C THR C 145 -32.54 28.73 -10.64
N GLN C 146 -33.79 28.40 -10.30
CA GLN C 146 -34.72 27.73 -11.20
C GLN C 146 -35.76 28.74 -11.69
N SER C 147 -35.47 29.38 -12.84
CA SER C 147 -36.24 30.44 -13.53
C SER C 147 -37.75 30.47 -13.20
N SER C 148 -38.47 29.38 -13.48
CA SER C 148 -39.90 29.29 -13.22
C SER C 148 -40.21 28.38 -12.05
N SER C 149 -41.20 28.82 -11.24
CA SER C 149 -41.72 28.11 -10.07
C SER C 149 -42.56 26.94 -10.58
N SER C 150 -43.20 27.13 -11.74
CA SER C 150 -44.10 26.18 -12.39
C SER C 150 -44.21 26.39 -13.90
N PHE C 151 -44.73 25.35 -14.57
CA PHE C 151 -44.99 25.26 -15.99
C PHE C 151 -46.30 24.53 -16.18
N SER C 152 -47.19 25.15 -16.96
CA SER C 152 -48.47 24.58 -17.30
C SER C 152 -48.27 23.87 -18.66
N VAL C 153 -48.18 22.54 -18.63
CA VAL C 153 -47.96 21.72 -19.82
C VAL C 153 -49.01 20.64 -19.95
N SER C 154 -49.41 20.31 -21.19
CA SER C 154 -50.39 19.26 -21.39
C SER C 154 -49.69 17.92 -21.58
N LEU C 155 -50.47 16.83 -21.57
CA LEU C 155 -49.94 15.49 -21.77
C LEU C 155 -49.37 15.37 -23.16
N GLY C 156 -48.30 14.61 -23.27
CA GLY C 156 -47.63 14.37 -24.54
C GLY C 156 -46.68 15.48 -24.94
N ASP C 157 -46.73 16.62 -24.21
CA ASP C 157 -45.87 17.76 -24.51
C ASP C 157 -44.39 17.54 -24.23
N ARG C 158 -43.61 18.61 -24.43
CA ARG C 158 -42.17 18.65 -24.21
C ARG C 158 -41.80 19.87 -23.34
N VAL C 159 -40.98 19.65 -22.29
CA VAL C 159 -40.55 20.72 -21.37
C VAL C 159 -39.08 20.76 -21.16
N THR C 160 -38.56 21.98 -20.95
CA THR C 160 -37.19 22.18 -20.56
C THR C 160 -37.19 23.05 -19.31
N ILE C 161 -36.71 22.48 -18.19
CA ILE C 161 -36.56 23.15 -16.90
C ILE C 161 -35.10 23.58 -16.84
N THR C 162 -34.87 24.85 -16.58
CA THR C 162 -33.55 25.45 -16.50
C THR C 162 -33.08 25.66 -15.04
N CYS C 163 -31.75 25.51 -14.81
CA CYS C 163 -31.11 25.64 -13.50
C CYS C 163 -29.81 26.43 -13.65
N LYS C 164 -29.73 27.59 -12.99
CA LYS C 164 -28.55 28.43 -13.09
C LYS C 164 -27.78 28.52 -11.78
N ALA C 165 -26.46 28.39 -11.89
CA ALA C 165 -25.53 28.43 -10.77
C ALA C 165 -24.86 29.80 -10.66
N SER C 166 -24.61 30.26 -9.42
CA SER C 166 -23.96 31.55 -9.16
C SER C 166 -22.47 31.53 -9.54
N GLU C 167 -21.91 30.33 -9.62
CA GLU C 167 -20.49 30.03 -9.81
C GLU C 167 -20.39 28.79 -10.71
N ASP C 168 -19.23 28.51 -11.29
CA ASP C 168 -19.04 27.28 -12.07
C ASP C 168 -19.16 26.07 -11.10
N ILE C 169 -19.90 25.05 -11.52
CA ILE C 169 -20.26 23.84 -10.79
C ILE C 169 -19.44 22.65 -11.26
N TYR C 170 -18.88 22.73 -12.46
CA TYR C 170 -18.10 21.65 -13.07
C TYR C 170 -18.91 20.35 -13.31
N ASN C 171 -20.17 20.50 -13.85
CA ASN C 171 -21.12 19.43 -14.16
C ASN C 171 -21.50 18.59 -12.95
N ARG C 172 -21.11 19.05 -11.76
CA ARG C 172 -21.41 18.37 -10.52
C ARG C 172 -22.80 18.83 -10.07
N LEU C 173 -23.82 18.40 -10.85
CA LEU C 173 -25.22 18.78 -10.67
C LEU C 173 -26.19 17.58 -10.72
N ALA C 174 -27.15 17.53 -9.77
CA ALA C 174 -28.16 16.46 -9.69
C ALA C 174 -29.56 16.99 -9.94
N TRP C 175 -30.47 16.11 -10.41
CA TRP C 175 -31.88 16.45 -10.63
C TRP C 175 -32.76 15.47 -9.88
N TYR C 176 -33.72 16.02 -9.13
CA TYR C 176 -34.66 15.26 -8.32
C TYR C 176 -36.08 15.50 -8.74
N GLN C 177 -36.89 14.45 -8.74
CA GLN C 177 -38.32 14.52 -9.02
C GLN C 177 -39.00 14.26 -7.72
N GLN C 178 -40.04 15.06 -7.43
CA GLN C 178 -40.86 14.88 -6.24
C GLN C 178 -42.35 15.12 -6.49
N LYS C 179 -43.12 14.02 -6.41
CA LYS C 179 -44.58 13.93 -6.46
C LYS C 179 -45.06 14.29 -5.03
N PRO C 180 -46.28 14.85 -4.79
CA PRO C 180 -46.66 15.19 -3.40
C PRO C 180 -46.93 13.98 -2.53
N GLY C 181 -46.62 14.13 -1.25
CA GLY C 181 -46.74 13.08 -0.24
C GLY C 181 -45.49 12.23 -0.16
N ASN C 182 -44.82 12.03 -1.34
CA ASN C 182 -43.62 11.23 -1.51
C ASN C 182 -42.35 12.07 -1.37
N ALA C 183 -41.24 11.40 -1.09
CA ALA C 183 -39.93 12.04 -0.95
C ALA C 183 -39.36 12.37 -2.33
N PRO C 184 -38.27 13.21 -2.44
CA PRO C 184 -37.63 13.42 -3.76
C PRO C 184 -36.93 12.14 -4.21
N ARG C 185 -36.95 11.89 -5.52
CA ARG C 185 -36.36 10.73 -6.18
C ARG C 185 -35.31 11.26 -7.14
N LEU C 186 -34.14 10.66 -7.12
CA LEU C 186 -33.05 11.07 -7.97
C LEU C 186 -33.27 10.64 -9.41
N LEU C 187 -33.23 11.60 -10.34
CA LEU C 187 -33.36 11.34 -11.77
C LEU C 187 -31.96 11.29 -12.43
N ILE C 188 -31.21 12.40 -12.39
CA ILE C 188 -29.90 12.52 -13.02
C ILE C 188 -28.85 12.96 -12.00
N SER C 189 -27.60 12.53 -12.19
CA SER C 189 -26.38 12.92 -11.47
C SER C 189 -25.34 13.29 -12.55
N GLY C 190 -24.36 14.10 -12.18
CA GLY C 190 -23.30 14.53 -13.09
C GLY C 190 -23.83 15.21 -14.32
N ALA C 191 -24.88 16.04 -14.13
CA ALA C 191 -25.62 16.84 -15.12
C ALA C 191 -26.33 16.06 -16.21
N THR C 192 -25.76 14.93 -16.65
CA THR C 192 -26.26 14.16 -17.78
C THR C 192 -26.72 12.70 -17.52
N SER C 193 -26.04 12.00 -16.59
CA SER C 193 -26.27 10.58 -16.30
C SER C 193 -27.58 10.25 -15.62
N LEU C 194 -28.49 9.59 -16.35
CA LEU C 194 -29.79 9.12 -15.85
C LEU C 194 -29.57 7.96 -14.90
N GLU C 195 -30.40 7.89 -13.86
CA GLU C 195 -30.36 6.79 -12.91
C GLU C 195 -31.06 5.57 -13.47
N THR C 196 -30.81 4.38 -12.91
CA THR C 196 -31.47 3.18 -13.43
C THR C 196 -32.93 3.18 -13.05
N GLY C 197 -33.77 2.93 -14.04
CA GLY C 197 -35.21 2.96 -13.87
C GLY C 197 -35.77 4.34 -14.19
N VAL C 198 -34.96 5.22 -14.79
CA VAL C 198 -35.40 6.55 -15.21
C VAL C 198 -35.58 6.45 -16.72
N PRO C 199 -36.79 6.78 -17.23
CA PRO C 199 -37.05 6.62 -18.68
C PRO C 199 -36.29 7.55 -19.60
N SER C 200 -35.99 7.03 -20.81
CA SER C 200 -35.27 7.73 -21.89
C SER C 200 -35.79 9.11 -22.21
N ARG C 201 -37.08 9.41 -21.88
CA ARG C 201 -37.71 10.70 -22.16
C ARG C 201 -37.16 11.84 -21.30
N PHE C 202 -36.46 11.49 -20.21
CA PHE C 202 -35.78 12.44 -19.33
C PHE C 202 -34.36 12.59 -19.82
N SER C 203 -33.87 13.83 -19.86
CA SER C 203 -32.51 14.12 -20.30
C SER C 203 -31.99 15.35 -19.61
N GLY C 204 -30.71 15.33 -19.31
CA GLY C 204 -30.05 16.45 -18.67
C GLY C 204 -28.85 16.86 -19.48
N SER C 205 -28.69 18.16 -19.69
CA SER C 205 -27.55 18.72 -20.42
C SER C 205 -27.11 20.00 -19.72
N GLY C 206 -26.05 20.63 -20.22
CA GLY C 206 -25.52 21.87 -19.67
C GLY C 206 -24.08 21.75 -19.22
N SER C 207 -23.49 22.91 -18.91
CA SER C 207 -22.11 23.00 -18.45
C SER C 207 -21.89 24.34 -17.72
N GLY C 208 -20.89 24.32 -16.83
CA GLY C 208 -20.49 25.46 -16.06
C GLY C 208 -21.58 25.92 -15.12
N LYS C 209 -22.30 26.97 -15.53
CA LYS C 209 -23.36 27.52 -14.69
C LYS C 209 -24.76 27.17 -15.20
N ASP C 210 -24.92 26.95 -16.49
CA ASP C 210 -26.25 26.74 -17.06
C ASP C 210 -26.54 25.29 -17.34
N TYR C 211 -27.61 24.78 -16.75
CA TYR C 211 -28.05 23.39 -16.84
C TYR C 211 -29.52 23.31 -17.15
N THR C 212 -29.93 22.21 -17.80
CA THR C 212 -31.31 21.95 -18.18
C THR C 212 -31.72 20.52 -17.94
N LEU C 213 -33.02 20.36 -17.63
CA LEU C 213 -33.71 19.08 -17.49
C LEU C 213 -34.81 19.12 -18.50
N SER C 214 -34.75 18.21 -19.47
CA SER C 214 -35.73 18.16 -20.54
C SER C 214 -36.52 16.87 -20.48
N ILE C 215 -37.85 17.01 -20.58
CA ILE C 215 -38.80 15.90 -20.59
C ILE C 215 -39.59 16.00 -21.90
N THR C 216 -39.54 14.92 -22.69
CA THR C 216 -40.24 14.77 -23.98
C THR C 216 -41.41 13.83 -23.76
N SER C 217 -42.44 13.86 -24.62
CA SER C 217 -43.64 12.99 -24.53
C SER C 217 -44.16 12.87 -23.09
N LEU C 218 -44.45 14.02 -22.46
CA LEU C 218 -44.93 14.08 -21.09
C LEU C 218 -46.04 13.07 -20.82
N GLN C 219 -45.80 12.17 -19.85
CA GLN C 219 -46.76 11.19 -19.40
C GLN C 219 -47.38 11.68 -18.11
N THR C 220 -48.37 10.99 -17.56
CA THR C 220 -49.06 11.49 -16.36
C THR C 220 -48.20 11.49 -15.07
N GLU C 221 -47.41 10.42 -14.89
CA GLU C 221 -46.47 10.24 -13.78
C GLU C 221 -45.38 11.33 -13.73
N ASP C 222 -45.23 12.09 -14.82
CA ASP C 222 -44.25 13.17 -14.96
C ASP C 222 -44.67 14.46 -14.29
N PHE C 223 -45.96 14.66 -13.99
CA PHE C 223 -46.37 15.87 -13.30
C PHE C 223 -45.92 15.80 -11.84
N ALA C 224 -44.94 16.65 -11.48
CA ALA C 224 -44.30 16.71 -10.16
C ALA C 224 -43.41 17.95 -10.08
N THR C 225 -42.79 18.21 -8.89
CA THR C 225 -41.84 19.31 -8.70
C THR C 225 -40.43 18.79 -8.94
N TYR C 226 -39.66 19.51 -9.76
CA TYR C 226 -38.30 19.14 -10.16
C TYR C 226 -37.27 20.06 -9.55
N TYR C 227 -36.22 19.48 -8.91
CA TYR C 227 -35.16 20.26 -8.27
C TYR C 227 -33.81 19.90 -8.81
N CYS C 228 -32.92 20.90 -8.86
CA CYS C 228 -31.54 20.71 -9.26
C CYS C 228 -30.73 20.95 -8.01
N GLN C 229 -29.58 20.31 -7.89
CA GLN C 229 -28.73 20.50 -6.70
C GLN C 229 -27.28 20.49 -7.14
N GLN C 230 -26.45 21.36 -6.56
CA GLN C 230 -25.03 21.36 -6.89
C GLN C 230 -24.24 20.60 -5.82
N TYR C 231 -23.22 19.87 -6.23
CA TYR C 231 -22.40 19.18 -5.25
C TYR C 231 -20.92 19.45 -5.50
N TRP C 232 -20.61 20.75 -5.70
CA TRP C 232 -19.25 21.14 -5.96
C TRP C 232 -18.53 21.64 -4.73
N SER C 233 -19.14 22.68 -4.10
CA SER C 233 -18.64 23.34 -2.90
C SER C 233 -19.77 23.41 -1.82
N PRO C 234 -19.48 23.01 -0.55
CA PRO C 234 -20.53 23.07 0.47
C PRO C 234 -20.88 24.51 0.90
N PRO C 235 -22.12 24.78 1.37
CA PRO C 235 -23.26 23.84 1.52
C PRO C 235 -23.89 23.46 0.19
N TRP C 236 -24.27 22.20 0.10
CA TRP C 236 -24.88 21.59 -1.07
C TRP C 236 -26.26 22.19 -1.23
N THR C 237 -26.32 23.22 -2.04
CA THR C 237 -27.53 23.99 -2.27
C THR C 237 -28.38 23.40 -3.38
N PHE C 238 -29.71 23.55 -3.20
CA PHE C 238 -30.74 23.11 -4.13
C PHE C 238 -31.39 24.31 -4.78
N GLY C 239 -32.09 24.06 -5.87
CA GLY C 239 -32.89 25.06 -6.56
C GLY C 239 -34.25 25.12 -5.89
N GLY C 240 -35.04 26.15 -6.24
CA GLY C 240 -36.35 26.35 -5.66
C GLY C 240 -37.37 25.32 -6.08
N GLY C 241 -37.12 24.68 -7.23
CA GLY C 241 -37.99 23.68 -7.81
C GLY C 241 -38.81 24.24 -8.93
N THR C 242 -39.28 23.37 -9.83
CA THR C 242 -40.15 23.73 -10.95
C THR C 242 -41.23 22.67 -10.98
N LYS C 243 -42.44 23.04 -10.53
CA LYS C 243 -43.60 22.18 -10.44
C LYS C 243 -44.29 22.09 -11.80
N LEU C 244 -44.43 20.90 -12.37
CA LEU C 244 -45.13 20.76 -13.65
C LEU C 244 -46.62 20.48 -13.39
N GLU C 245 -47.48 21.43 -13.81
CA GLU C 245 -48.93 21.34 -13.67
C GLU C 245 -49.58 21.01 -15.00
N ILE C 246 -50.66 20.20 -14.97
CA ILE C 246 -51.46 19.90 -16.18
C ILE C 246 -52.38 21.11 -16.51
N LYS C 247 -52.71 21.35 -17.80
CA LYS C 247 -53.56 22.50 -18.14
C LYS C 247 -55.01 22.18 -18.55
N GLU D 1 19.58 -19.34 20.27
CA GLU D 1 18.43 -20.25 20.25
C GLU D 1 18.15 -20.86 18.85
N VAL D 2 18.84 -20.36 17.80
CA VAL D 2 18.72 -20.82 16.40
C VAL D 2 19.40 -22.19 16.24
N GLN D 3 18.74 -23.12 15.53
CA GLN D 3 19.28 -24.47 15.33
C GLN D 3 19.01 -24.99 13.92
N LEU D 4 20.04 -25.55 13.32
CA LEU D 4 19.97 -26.15 11.99
C LEU D 4 20.62 -27.52 12.11
N VAL D 5 19.86 -28.59 11.79
CA VAL D 5 20.35 -29.98 11.90
C VAL D 5 20.24 -30.66 10.53
N GLU D 6 21.39 -30.94 9.92
CA GLU D 6 21.40 -31.57 8.59
C GLU D 6 21.68 -33.06 8.61
N SER D 7 20.81 -33.80 7.89
CA SER D 7 20.78 -35.26 7.75
C SER D 7 20.88 -35.60 6.26
N GLY D 8 21.33 -36.81 5.89
CA GLY D 8 21.41 -37.19 4.48
C GLY D 8 22.67 -37.85 3.93
N GLY D 9 23.81 -37.73 4.62
CA GLY D 9 25.06 -38.34 4.17
C GLY D 9 25.08 -39.87 4.25
N GLY D 10 26.18 -40.56 3.90
CA GLY D 10 27.45 -40.04 3.44
C GLY D 10 27.95 -40.68 2.15
N LEU D 11 28.63 -41.84 2.26
CA LEU D 11 29.23 -42.58 1.13
C LEU D 11 28.33 -42.89 -0.07
N VAL D 12 28.79 -42.53 -1.28
CA VAL D 12 28.07 -42.68 -2.54
C VAL D 12 29.01 -42.88 -3.75
N LYS D 13 28.49 -43.59 -4.75
CA LYS D 13 29.14 -43.96 -6.01
C LYS D 13 29.16 -42.79 -7.01
N PRO D 14 30.21 -42.67 -7.87
CA PRO D 14 30.19 -41.60 -8.90
C PRO D 14 29.01 -41.78 -9.87
N GLY D 15 28.23 -40.73 -10.02
CA GLY D 15 27.01 -40.74 -10.82
C GLY D 15 25.79 -40.98 -9.95
N GLY D 16 26.06 -41.38 -8.69
CA GLY D 16 25.07 -41.65 -7.66
C GLY D 16 24.22 -40.47 -7.23
N SER D 17 23.31 -40.72 -6.29
CA SER D 17 22.37 -39.74 -5.80
C SER D 17 22.26 -39.77 -4.26
N LEU D 18 22.01 -38.59 -3.64
CA LEU D 18 21.80 -38.41 -2.20
C LEU D 18 20.73 -37.35 -1.93
N LYS D 19 20.04 -37.45 -0.79
CA LYS D 19 19.00 -36.48 -0.44
C LYS D 19 19.26 -35.91 0.94
N LEU D 20 19.89 -34.71 0.96
CA LEU D 20 20.19 -34.00 2.19
C LEU D 20 19.00 -33.23 2.63
N SER D 21 18.78 -33.17 3.94
CA SER D 21 17.67 -32.48 4.58
C SER D 21 18.15 -31.69 5.79
N CYS D 22 17.60 -30.50 5.98
CA CYS D 22 17.95 -29.63 7.07
C CYS D 22 16.71 -29.37 7.91
N ALA D 23 16.82 -29.48 9.24
CA ALA D 23 15.73 -29.29 10.18
C ALA D 23 15.92 -28.02 11.02
N ALA D 24 15.27 -26.96 10.59
CA ALA D 24 15.35 -25.64 11.23
C ALA D 24 14.41 -25.50 12.42
N SER D 25 14.85 -24.70 13.42
CA SER D 25 14.18 -24.40 14.68
C SER D 25 14.78 -23.19 15.42
N GLY D 26 13.93 -22.41 16.07
CA GLY D 26 14.37 -21.26 16.87
C GLY D 26 14.21 -19.89 16.24
N PHE D 27 13.62 -19.83 15.02
CA PHE D 27 13.35 -18.58 14.26
C PHE D 27 12.15 -18.80 13.28
N THR D 28 11.66 -17.71 12.61
CA THR D 28 10.55 -17.83 11.64
C THR D 28 11.11 -18.30 10.28
N PHE D 29 11.04 -19.63 10.01
CA PHE D 29 11.57 -20.26 8.79
C PHE D 29 11.13 -19.61 7.46
N SER D 30 9.86 -19.20 7.42
CA SER D 30 9.16 -18.58 6.28
C SER D 30 9.70 -17.19 5.90
N ASP D 31 10.47 -16.54 6.79
CA ASP D 31 10.99 -15.19 6.57
C ASP D 31 12.41 -15.14 5.99
N TYR D 32 13.04 -16.29 5.75
CA TYR D 32 14.44 -16.32 5.33
C TYR D 32 14.70 -17.14 4.11
N TYR D 33 15.65 -16.71 3.28
CA TYR D 33 16.10 -17.52 2.15
C TYR D 33 17.05 -18.52 2.81
N MET D 34 17.03 -19.76 2.34
CA MET D 34 17.90 -20.79 2.91
C MET D 34 18.90 -21.23 1.87
N HIS D 35 20.12 -21.57 2.33
CA HIS D 35 21.21 -21.95 1.46
C HIS D 35 21.94 -23.24 1.87
N TRP D 36 22.72 -23.77 0.92
CA TRP D 36 23.57 -24.92 1.12
C TRP D 36 25.01 -24.53 0.79
N VAL D 37 25.90 -24.58 1.77
CA VAL D 37 27.33 -24.29 1.57
C VAL D 37 28.12 -25.54 1.97
N ARG D 38 29.02 -26.00 1.09
CA ARG D 38 29.84 -27.19 1.28
C ARG D 38 31.30 -26.85 1.52
N GLN D 39 31.97 -27.64 2.39
CA GLN D 39 33.41 -27.47 2.65
C GLN D 39 34.15 -28.66 2.07
N THR D 40 35.02 -28.42 1.08
CA THR D 40 35.82 -29.47 0.41
C THR D 40 36.74 -30.23 1.40
N PRO D 41 37.36 -31.39 1.05
CA PRO D 41 38.28 -32.02 2.02
C PRO D 41 39.52 -31.15 2.20
N LYS D 42 39.87 -30.35 1.18
CA LYS D 42 41.03 -29.42 1.28
C LYS D 42 40.64 -28.11 2.08
N LYS D 43 39.49 -28.17 2.78
CA LYS D 43 38.87 -27.17 3.65
C LYS D 43 38.42 -25.82 3.02
N ARG D 44 38.23 -25.83 1.69
CA ARG D 44 37.78 -24.69 0.89
C ARG D 44 36.26 -24.59 1.00
N LEU D 45 35.73 -23.42 1.40
CA LEU D 45 34.28 -23.16 1.54
C LEU D 45 33.66 -22.79 0.19
N GLU D 46 32.49 -23.38 -0.14
CA GLU D 46 31.84 -23.17 -1.44
C GLU D 46 30.30 -23.17 -1.35
N TRP D 47 29.65 -22.02 -1.70
CA TRP D 47 28.17 -21.90 -1.70
C TRP D 47 27.64 -22.75 -2.88
N VAL D 48 26.53 -23.52 -2.65
CA VAL D 48 25.95 -24.35 -3.72
C VAL D 48 24.51 -24.04 -4.14
N ALA D 49 23.63 -23.76 -3.18
CA ALA D 49 22.22 -23.55 -3.55
C ALA D 49 21.46 -22.63 -2.63
N THR D 50 20.42 -21.94 -3.19
CA THR D 50 19.54 -21.05 -2.46
C THR D 50 18.09 -21.29 -2.85
N ILE D 51 17.20 -21.27 -1.85
CA ILE D 51 15.75 -21.38 -1.99
C ILE D 51 15.15 -20.11 -1.38
N SER D 52 14.22 -19.45 -2.10
CA SER D 52 13.56 -18.25 -1.62
C SER D 52 12.70 -18.55 -0.39
N ASP D 53 12.31 -17.52 0.37
CA ASP D 53 11.50 -17.64 1.59
C ASP D 53 10.21 -18.42 1.36
N GLY D 54 9.55 -18.15 0.23
CA GLY D 54 8.33 -18.82 -0.17
C GLY D 54 8.58 -20.17 -0.82
N GLY D 55 9.69 -20.33 -1.52
CA GLY D 55 10.03 -21.60 -2.16
C GLY D 55 10.03 -21.53 -3.67
N SER D 56 9.28 -20.56 -4.23
CA SER D 56 9.16 -20.36 -5.69
C SER D 56 10.47 -20.00 -6.44
N TYR D 57 11.49 -19.42 -5.73
CA TYR D 57 12.74 -19.00 -6.38
C TYR D 57 13.95 -19.78 -5.95
N THR D 58 14.73 -20.21 -6.94
CA THR D 58 15.85 -21.11 -6.79
C THR D 58 17.15 -20.63 -7.47
N TYR D 59 18.29 -20.71 -6.76
CA TYR D 59 19.60 -20.32 -7.31
C TYR D 59 20.60 -21.42 -7.08
N PHE D 60 21.48 -21.66 -8.05
CA PHE D 60 22.47 -22.73 -7.99
C PHE D 60 23.87 -22.37 -8.42
N LEU D 61 24.87 -23.10 -7.90
CA LEU D 61 26.25 -22.93 -8.32
C LEU D 61 26.31 -23.54 -9.74
N ASP D 62 26.97 -22.87 -10.69
CA ASP D 62 27.04 -23.38 -12.07
C ASP D 62 27.45 -24.84 -12.19
N SER D 63 28.44 -25.29 -11.41
CA SER D 63 28.91 -26.68 -11.42
C SER D 63 27.87 -27.72 -10.90
N VAL D 64 26.89 -27.29 -10.06
CA VAL D 64 25.86 -28.19 -9.54
C VAL D 64 24.53 -28.10 -10.29
N LYS D 65 24.34 -27.01 -11.05
CA LYS D 65 23.15 -26.72 -11.88
C LYS D 65 22.82 -27.92 -12.77
N GLY D 66 21.54 -28.31 -12.72
CA GLY D 66 21.03 -29.43 -13.51
C GLY D 66 21.27 -30.80 -12.92
N ARG D 67 21.90 -30.86 -11.75
CA ARG D 67 22.18 -32.12 -11.07
C ARG D 67 21.62 -32.03 -9.67
N PHE D 68 21.58 -30.80 -9.14
CA PHE D 68 21.10 -30.54 -7.80
C PHE D 68 19.76 -29.84 -7.81
N THR D 69 18.88 -30.22 -6.90
CA THR D 69 17.57 -29.57 -6.76
C THR D 69 17.28 -29.15 -5.33
N ILE D 70 16.64 -27.97 -5.19
CA ILE D 70 16.27 -27.44 -3.87
C ILE D 70 14.77 -27.48 -3.68
N SER D 71 14.36 -27.63 -2.43
CA SER D 71 12.96 -27.62 -2.02
C SER D 71 12.89 -27.25 -0.57
N ARG D 72 11.72 -26.79 -0.13
CA ARG D 72 11.48 -26.46 1.28
C ARG D 72 10.01 -26.64 1.65
N ASP D 73 9.78 -26.97 2.93
CA ASP D 73 8.47 -27.20 3.51
C ASP D 73 8.33 -26.26 4.68
N ASN D 74 7.68 -25.10 4.46
CA ASN D 74 7.53 -24.11 5.52
C ASN D 74 6.67 -24.53 6.68
N ALA D 75 5.77 -25.51 6.44
CA ALA D 75 4.88 -26.07 7.46
C ALA D 75 5.66 -27.05 8.37
N LYS D 76 6.54 -27.87 7.76
CA LYS D 76 7.37 -28.85 8.46
C LYS D 76 8.70 -28.27 8.97
N ASN D 77 8.98 -26.96 8.72
CA ASN D 77 10.23 -26.23 9.07
C ASN D 77 11.49 -26.96 8.57
N LYS D 78 11.44 -27.49 7.33
CA LYS D 78 12.53 -28.24 6.73
C LYS D 78 12.90 -27.83 5.30
N LEU D 79 14.19 -28.01 4.96
CA LEU D 79 14.80 -27.64 3.69
C LEU D 79 15.58 -28.85 3.16
N ASP D 80 15.48 -29.11 1.84
CA ASP D 80 16.12 -30.25 1.23
C ASP D 80 16.94 -29.94 0.00
N LEU D 81 18.07 -30.66 -0.13
CA LEU D 81 18.94 -30.61 -1.28
C LEU D 81 18.95 -32.02 -1.89
N GLN D 82 18.40 -32.16 -3.09
CA GLN D 82 18.35 -33.43 -3.82
C GLN D 82 19.54 -33.43 -4.78
N MET D 83 20.56 -34.24 -4.46
CA MET D 83 21.79 -34.35 -5.26
C MET D 83 21.75 -35.58 -6.16
N SER D 84 22.02 -35.40 -7.44
CA SER D 84 22.07 -36.45 -8.43
C SER D 84 23.25 -36.25 -9.36
N SER D 85 23.63 -37.29 -10.11
CA SER D 85 24.76 -37.31 -11.05
C SER D 85 26.05 -36.84 -10.37
N LEU D 86 26.26 -37.27 -9.11
CA LEU D 86 27.42 -36.88 -8.30
C LEU D 86 28.78 -37.17 -8.95
N LYS D 87 29.70 -36.22 -8.80
CA LYS D 87 31.08 -36.25 -9.30
C LYS D 87 32.02 -36.23 -8.07
N SER D 88 33.35 -36.38 -8.27
CA SER D 88 34.29 -36.38 -7.14
C SER D 88 34.36 -35.01 -6.43
N GLU D 89 34.23 -33.92 -7.22
CA GLU D 89 34.22 -32.51 -6.77
C GLU D 89 33.15 -32.22 -5.69
N ASP D 90 32.05 -33.01 -5.70
CA ASP D 90 30.92 -32.91 -4.78
C ASP D 90 31.20 -33.38 -3.36
N THR D 91 32.34 -34.08 -3.12
CA THR D 91 32.73 -34.59 -1.79
C THR D 91 32.98 -33.41 -0.85
N GLY D 92 32.42 -33.49 0.35
CA GLY D 92 32.63 -32.50 1.38
C GLY D 92 31.56 -32.45 2.46
N MET D 93 31.76 -31.60 3.47
CA MET D 93 30.75 -31.42 4.51
C MET D 93 29.70 -30.45 3.95
N TYR D 94 28.42 -30.83 4.06
CA TYR D 94 27.35 -30.00 3.56
C TYR D 94 26.65 -29.32 4.72
N TYR D 95 26.77 -27.99 4.77
CA TYR D 95 26.16 -27.14 5.78
C TYR D 95 24.92 -26.48 5.20
N CYS D 96 23.91 -26.44 6.03
CA CYS D 96 22.63 -25.80 5.81
C CYS D 96 22.79 -24.45 6.51
N ALA D 97 22.50 -23.34 5.83
CA ALA D 97 22.67 -22.02 6.43
C ALA D 97 21.50 -21.08 6.22
N ARG D 98 21.15 -20.33 7.28
CA ARG D 98 20.11 -19.32 7.22
C ARG D 98 20.77 -18.00 6.89
N ASP D 99 20.16 -17.28 5.97
CA ASP D 99 20.60 -15.99 5.50
C ASP D 99 20.60 -14.99 6.62
N GLY D 100 21.53 -14.04 6.57
CA GLY D 100 21.66 -13.00 7.58
C GLY D 100 20.42 -12.16 7.75
N ASN D 101 19.80 -11.78 6.60
CA ASN D 101 18.55 -11.04 6.43
C ASN D 101 17.61 -11.95 5.55
N LYS D 102 16.63 -11.38 4.79
CA LYS D 102 15.74 -12.18 3.94
C LYS D 102 16.62 -12.77 2.85
N TYR D 103 17.33 -11.91 2.08
CA TYR D 103 18.24 -12.34 1.01
C TYR D 103 19.38 -11.36 0.72
N SER D 104 20.41 -11.43 1.53
CA SER D 104 21.70 -10.73 1.42
C SER D 104 22.54 -11.96 1.43
N ALA D 105 23.41 -12.24 0.47
CA ALA D 105 23.96 -13.58 0.62
C ALA D 105 25.12 -13.89 1.62
N TRP D 106 24.89 -13.55 2.92
CA TRP D 106 25.78 -13.88 4.02
C TRP D 106 25.04 -14.83 4.96
N PHE D 107 25.80 -15.72 5.61
CA PHE D 107 25.31 -16.84 6.39
C PHE D 107 25.45 -16.68 7.90
N ALA D 108 24.43 -16.07 8.51
CA ALA D 108 24.40 -15.79 9.93
C ALA D 108 24.43 -17.03 10.83
N TYR D 109 23.77 -18.12 10.42
CA TYR D 109 23.70 -19.35 11.20
C TYR D 109 23.91 -20.55 10.32
N TRP D 110 24.69 -21.53 10.80
CA TRP D 110 24.97 -22.76 10.07
C TRP D 110 24.66 -23.97 10.97
N GLY D 111 24.40 -25.11 10.34
CA GLY D 111 24.20 -26.38 11.04
C GLY D 111 25.52 -27.08 11.26
N GLN D 112 25.51 -28.25 11.93
CA GLN D 112 26.75 -29.02 12.19
C GLN D 112 27.38 -29.64 10.91
N GLY D 113 26.55 -29.88 9.90
CA GLY D 113 26.96 -30.44 8.62
C GLY D 113 26.68 -31.92 8.46
N THR D 114 26.58 -32.38 7.19
CA THR D 114 26.48 -33.79 6.83
C THR D 114 27.56 -34.08 5.85
N LEU D 115 28.34 -35.12 6.11
CA LEU D 115 29.42 -35.49 5.23
C LEU D 115 28.89 -36.21 4.00
N VAL D 116 29.35 -35.77 2.84
CA VAL D 116 29.02 -36.35 1.55
C VAL D 116 30.35 -36.77 0.96
N THR D 117 30.59 -38.08 0.97
CA THR D 117 31.82 -38.66 0.45
C THR D 117 31.53 -39.46 -0.81
N VAL D 118 32.23 -39.14 -1.93
CA VAL D 118 31.96 -39.79 -3.22
C VAL D 118 33.17 -40.31 -4.02
N SER D 119 33.24 -41.67 -4.15
CA SER D 119 34.26 -42.40 -4.92
C SER D 119 33.72 -43.74 -5.40
N ASP D 141 33.71 -14.88 -12.17
CA ASP D 141 33.65 -15.17 -10.74
C ASP D 141 34.59 -14.29 -9.93
N ILE D 142 34.11 -13.70 -8.82
CA ILE D 142 34.93 -12.86 -7.97
C ILE D 142 35.96 -13.68 -7.14
N GLN D 143 37.27 -13.43 -7.35
CA GLN D 143 38.26 -14.19 -6.63
C GLN D 143 38.59 -13.54 -5.30
N MET D 144 38.36 -14.28 -4.21
CA MET D 144 38.61 -13.84 -2.86
C MET D 144 39.92 -14.43 -2.45
N THR D 145 40.94 -13.55 -2.34
CA THR D 145 42.33 -13.87 -2.06
C THR D 145 42.78 -13.56 -0.65
N GLN D 146 43.09 -14.60 0.13
CA GLN D 146 43.60 -14.47 1.48
C GLN D 146 45.09 -14.81 1.45
N SER D 147 45.93 -13.75 1.28
CA SER D 147 47.41 -13.75 1.16
C SER D 147 48.11 -14.94 1.83
N SER D 148 47.97 -15.00 3.17
CA SER D 148 48.56 -15.99 4.05
C SER D 148 47.57 -17.08 4.40
N SER D 149 47.97 -18.34 4.23
CA SER D 149 47.19 -19.53 4.54
C SER D 149 47.14 -19.71 6.05
N SER D 150 48.23 -19.30 6.73
CA SER D 150 48.38 -19.38 8.18
C SER D 150 49.31 -18.30 8.72
N PHE D 151 49.21 -18.10 10.04
CA PHE D 151 49.99 -17.17 10.84
C PHE D 151 50.33 -17.82 12.16
N SER D 152 51.63 -17.81 12.50
CA SER D 152 52.12 -18.35 13.75
C SER D 152 52.27 -17.17 14.69
N VAL D 153 51.37 -17.10 15.66
CA VAL D 153 51.32 -16.03 16.65
C VAL D 153 51.11 -16.63 18.03
N SER D 154 51.66 -15.96 19.03
CA SER D 154 51.54 -16.38 20.42
C SER D 154 50.34 -15.73 21.08
N LEU D 155 50.01 -16.19 22.29
CA LEU D 155 48.90 -15.64 23.05
C LEU D 155 49.18 -14.19 23.42
N GLY D 156 48.14 -13.39 23.43
CA GLY D 156 48.25 -11.97 23.76
C GLY D 156 48.67 -11.12 22.58
N ASP D 157 49.10 -11.76 21.48
CA ASP D 157 49.54 -11.06 20.28
C ASP D 157 48.45 -10.33 19.53
N ARG D 158 48.83 -9.73 18.38
CA ARG D 158 47.96 -8.98 17.50
C ARG D 158 48.14 -9.45 16.06
N VAL D 159 47.02 -9.68 15.34
CA VAL D 159 47.03 -10.14 13.94
C VAL D 159 46.15 -9.35 13.05
N THR D 160 46.56 -9.23 11.80
CA THR D 160 45.76 -8.64 10.75
C THR D 160 45.73 -9.61 9.58
N ILE D 161 44.53 -10.16 9.29
CA ILE D 161 44.29 -11.09 8.19
C ILE D 161 43.73 -10.24 7.08
N THR D 162 44.33 -10.35 5.90
CA THR D 162 43.96 -9.59 4.71
C THR D 162 43.12 -10.41 3.70
N CYS D 163 42.17 -9.74 3.02
CA CYS D 163 41.27 -10.35 2.04
C CYS D 163 41.13 -9.43 0.84
N LYS D 164 41.54 -9.92 -0.34
CA LYS D 164 41.49 -9.12 -1.54
C LYS D 164 40.47 -9.65 -2.54
N ALA D 165 39.70 -8.73 -3.12
CA ALA D 165 38.67 -9.02 -4.10
C ALA D 165 39.16 -8.70 -5.51
N SER D 166 38.73 -9.52 -6.50
CA SER D 166 39.10 -9.34 -7.90
C SER D 166 38.47 -8.08 -8.53
N GLU D 167 37.42 -7.52 -7.90
CA GLU D 167 36.69 -6.32 -8.32
C GLU D 167 36.08 -5.67 -7.09
N ASP D 168 35.67 -4.38 -7.17
CA ASP D 168 35.06 -3.62 -6.08
C ASP D 168 33.76 -4.33 -5.61
N ILE D 169 33.76 -4.80 -4.36
CA ILE D 169 32.63 -5.53 -3.74
C ILE D 169 31.80 -4.71 -2.72
N TYR D 170 31.88 -3.39 -2.84
CA TYR D 170 31.10 -2.38 -2.15
C TYR D 170 30.78 -2.67 -0.67
N ASN D 171 31.82 -3.08 0.09
CA ASN D 171 31.79 -3.41 1.54
C ASN D 171 30.88 -4.57 1.85
N ARG D 172 30.46 -5.29 0.81
CA ARG D 172 29.60 -6.44 0.92
C ARG D 172 30.47 -7.66 1.19
N LEU D 173 31.05 -7.65 2.40
CA LEU D 173 32.00 -8.68 2.82
C LEU D 173 31.75 -9.21 4.23
N ALA D 174 31.82 -10.54 4.42
CA ALA D 174 31.62 -11.22 5.70
C ALA D 174 32.87 -11.92 6.15
N TRP D 175 33.02 -12.12 7.48
CA TRP D 175 34.15 -12.84 8.09
C TRP D 175 33.63 -13.95 8.98
N TYR D 176 34.17 -15.15 8.78
CA TYR D 176 33.79 -16.35 9.53
C TYR D 176 34.95 -16.93 10.27
N GLN D 177 34.70 -17.38 11.50
CA GLN D 177 35.68 -18.07 12.32
C GLN D 177 35.26 -19.52 12.36
N GLN D 178 36.24 -20.42 12.19
CA GLN D 178 36.01 -21.85 12.26
C GLN D 178 37.12 -22.63 12.99
N LYS D 179 36.76 -23.14 14.17
CA LYS D 179 37.54 -24.03 15.04
C LYS D 179 37.36 -25.46 14.44
N PRO D 180 38.28 -26.44 14.64
CA PRO D 180 38.06 -27.77 14.04
C PRO D 180 36.95 -28.55 14.73
N GLY D 181 36.28 -29.40 13.95
CA GLY D 181 35.16 -30.21 14.40
C GLY D 181 33.85 -29.48 14.21
N ASN D 182 33.83 -28.20 14.64
CA ASN D 182 32.74 -27.24 14.56
C ASN D 182 32.59 -26.67 13.13
N ALA D 183 31.43 -26.01 12.89
CA ALA D 183 31.07 -25.34 11.64
C ALA D 183 31.60 -23.88 11.69
N PRO D 184 31.63 -23.12 10.54
CA PRO D 184 32.02 -21.70 10.61
C PRO D 184 30.99 -20.88 11.35
N ARG D 185 31.47 -19.87 12.10
CA ARG D 185 30.67 -18.94 12.92
C ARG D 185 30.91 -17.54 12.36
N LEU D 186 29.82 -16.81 12.15
CA LEU D 186 29.91 -15.46 11.61
C LEU D 186 30.43 -14.48 12.63
N LEU D 187 31.50 -13.75 12.27
CA LEU D 187 32.07 -12.71 13.12
C LEU D 187 31.58 -11.32 12.66
N ILE D 188 31.91 -10.93 11.40
CA ILE D 188 31.57 -9.62 10.84
C ILE D 188 30.83 -9.71 9.49
N SER D 189 29.83 -8.81 9.30
CA SER D 189 29.06 -8.60 8.06
C SER D 189 29.24 -7.12 7.69
N GLY D 190 29.05 -6.80 6.40
CA GLY D 190 29.20 -5.45 5.88
C GLY D 190 30.56 -4.86 6.17
N ALA D 191 31.61 -5.69 6.04
CA ALA D 191 33.03 -5.40 6.26
C ALA D 191 33.43 -4.98 7.68
N THR D 192 32.57 -4.23 8.37
CA THR D 192 32.86 -3.64 9.68
C THR D 192 32.00 -4.08 10.88
N SER D 193 30.71 -4.36 10.65
CA SER D 193 29.74 -4.70 11.70
C SER D 193 29.93 -6.06 12.37
N LEU D 194 30.32 -6.02 13.66
CA LEU D 194 30.52 -7.22 14.49
C LEU D 194 29.17 -7.79 14.85
N GLU D 195 29.09 -9.11 14.93
CA GLU D 195 27.85 -9.77 15.34
C GLU D 195 27.71 -9.73 16.86
N THR D 196 26.49 -9.95 17.38
CA THR D 196 26.30 -9.92 18.83
C THR D 196 26.96 -11.14 19.47
N GLY D 197 27.74 -10.86 20.51
CA GLY D 197 28.50 -11.89 21.21
C GLY D 197 29.88 -12.07 20.62
N VAL D 198 30.31 -11.11 19.75
CA VAL D 198 31.64 -11.10 19.16
C VAL D 198 32.43 -10.04 19.94
N PRO D 199 33.58 -10.43 20.55
CA PRO D 199 34.31 -9.49 21.41
C PRO D 199 34.97 -8.33 20.69
N SER D 200 35.05 -7.18 21.40
CA SER D 200 35.66 -5.92 20.98
C SER D 200 37.05 -6.05 20.35
N ARG D 201 37.79 -7.14 20.69
CA ARG D 201 39.14 -7.37 20.17
C ARG D 201 39.17 -7.70 18.67
N PHE D 202 38.01 -8.10 18.12
CA PHE D 202 37.84 -8.39 16.70
C PHE D 202 37.38 -7.11 16.02
N SER D 203 37.95 -6.81 14.85
CA SER D 203 37.59 -5.64 14.09
C SER D 203 37.79 -5.88 12.62
N GLY D 204 36.89 -5.32 11.84
CA GLY D 204 36.96 -5.42 10.39
C GLY D 204 36.96 -4.04 9.78
N SER D 205 37.86 -3.81 8.82
CA SER D 205 37.96 -2.56 8.08
C SER D 205 38.22 -2.86 6.61
N GLY D 206 38.26 -1.82 5.79
CA GLY D 206 38.51 -1.96 4.36
C GLY D 206 37.43 -1.39 3.49
N SER D 207 37.71 -1.28 2.20
CA SER D 207 36.78 -0.78 1.18
C SER D 207 37.22 -1.21 -0.22
N GLY D 208 36.28 -1.16 -1.15
CA GLY D 208 36.52 -1.52 -2.53
C GLY D 208 36.87 -2.98 -2.66
N LYS D 209 38.18 -3.24 -2.82
CA LYS D 209 38.72 -4.58 -3.01
C LYS D 209 39.53 -5.05 -1.79
N ASP D 210 40.11 -4.14 -1.02
CA ASP D 210 40.98 -4.53 0.08
C ASP D 210 40.30 -4.47 1.42
N TYR D 211 40.29 -5.61 2.13
CA TYR D 211 39.65 -5.76 3.44
C TYR D 211 40.58 -6.45 4.40
N THR D 212 40.37 -6.19 5.68
CA THR D 212 41.16 -6.76 6.78
C THR D 212 40.29 -7.16 7.97
N LEU D 213 40.77 -8.22 8.66
CA LEU D 213 40.23 -8.70 9.91
C LEU D 213 41.38 -8.62 10.89
N SER D 214 41.20 -7.80 11.92
CA SER D 214 42.23 -7.60 12.93
C SER D 214 41.78 -8.10 14.28
N ILE D 215 42.67 -8.88 14.92
CA ILE D 215 42.45 -9.45 16.25
C ILE D 215 43.59 -8.96 17.14
N THR D 216 43.24 -8.27 18.23
CA THR D 216 44.17 -7.73 19.22
C THR D 216 44.08 -8.61 20.46
N SER D 217 45.09 -8.59 21.34
CA SER D 217 45.12 -9.37 22.58
C SER D 217 44.63 -10.83 22.38
N LEU D 218 45.24 -11.54 21.43
CA LEU D 218 44.88 -12.91 21.09
C LEU D 218 44.68 -13.78 22.34
N GLN D 219 43.47 -14.34 22.47
CA GLN D 219 43.13 -15.26 23.56
C GLN D 219 43.18 -16.66 22.99
N THR D 220 42.97 -17.70 23.81
CA THR D 220 43.11 -19.07 23.32
C THR D 220 42.02 -19.52 22.34
N GLU D 221 40.78 -19.12 22.62
CA GLU D 221 39.59 -19.39 21.80
C GLU D 221 39.71 -18.80 20.38
N ASP D 222 40.65 -17.86 20.19
CA ASP D 222 40.92 -17.18 18.93
C ASP D 222 41.69 -18.00 17.92
N PHE D 223 42.39 -19.05 18.35
CA PHE D 223 43.11 -19.88 17.38
C PHE D 223 42.10 -20.73 16.59
N ALA D 224 41.96 -20.40 15.28
CA ALA D 224 41.03 -21.03 14.36
C ALA D 224 41.34 -20.58 12.93
N THR D 225 40.60 -21.12 11.91
CA THR D 225 40.72 -20.69 10.52
C THR D 225 39.69 -19.60 10.23
N TYR D 226 40.14 -18.48 9.63
CA TYR D 226 39.32 -17.31 9.34
C TYR D 226 39.07 -17.15 7.85
N TYR D 227 37.79 -16.99 7.47
CA TYR D 227 37.41 -16.84 6.07
C TYR D 227 36.68 -15.55 5.82
N CYS D 228 36.87 -14.98 4.63
CA CYS D 228 36.16 -13.80 4.19
C CYS D 228 35.28 -14.26 3.07
N GLN D 229 34.13 -13.62 2.89
CA GLN D 229 33.22 -14.00 1.81
C GLN D 229 32.60 -12.75 1.24
N GLN D 230 32.45 -12.70 -0.10
CA GLN D 230 31.81 -11.55 -0.72
C GLN D 230 30.34 -11.85 -1.02
N TYR D 231 29.48 -10.88 -0.86
CA TYR D 231 28.07 -11.09 -1.20
C TYR D 231 27.58 -9.94 -2.08
N TRP D 232 28.39 -9.59 -3.08
CA TRP D 232 28.07 -8.53 -4.02
C TRP D 232 27.41 -9.09 -5.30
N SER D 233 28.13 -9.96 -6.02
CA SER D 233 27.67 -10.61 -7.24
C SER D 233 27.81 -12.15 -7.13
N PRO D 234 26.74 -12.94 -7.48
CA PRO D 234 26.87 -14.41 -7.41
C PRO D 234 27.82 -15.00 -8.47
N PRO D 235 28.52 -16.13 -8.19
CA PRO D 235 28.44 -16.94 -6.96
C PRO D 235 29.16 -16.32 -5.79
N TRP D 236 28.56 -16.45 -4.61
CA TRP D 236 29.07 -15.93 -3.35
C TRP D 236 30.31 -16.71 -3.00
N THR D 237 31.44 -16.15 -3.40
CA THR D 237 32.76 -16.75 -3.24
C THR D 237 33.37 -16.44 -1.88
N PHE D 238 34.14 -17.42 -1.36
CA PHE D 238 34.87 -17.34 -0.10
C PHE D 238 36.36 -17.27 -0.38
N GLY D 239 37.11 -16.87 0.62
CA GLY D 239 38.56 -16.86 0.58
C GLY D 239 39.03 -18.23 1.01
N GLY D 240 40.34 -18.49 0.81
CA GLY D 240 40.95 -19.78 1.14
C GLY D 240 41.02 -20.06 2.62
N GLY D 241 40.99 -18.99 3.42
CA GLY D 241 41.08 -19.06 4.86
C GLY D 241 42.47 -18.71 5.34
N THR D 242 42.58 -18.29 6.61
CA THR D 242 43.83 -17.98 7.28
C THR D 242 43.73 -18.62 8.65
N LYS D 243 44.45 -19.75 8.82
CA LYS D 243 44.46 -20.52 10.05
C LYS D 243 45.46 -19.91 11.04
N LEU D 244 44.99 -19.52 12.23
CA LEU D 244 45.89 -18.98 13.25
C LEU D 244 46.41 -20.11 14.14
N GLU D 245 47.72 -20.41 14.03
CA GLU D 245 48.35 -21.45 14.85
C GLU D 245 49.21 -20.86 15.97
N ILE D 246 49.19 -21.50 17.16
CA ILE D 246 50.00 -21.09 18.30
C ILE D 246 51.47 -21.45 18.06
N LYS D 247 52.34 -20.65 18.70
CA LYS D 247 53.79 -20.76 18.84
C LYS D 247 54.27 -19.67 19.76
#